data_1YNC
#
_entry.id   1YNC
#
_entity_poly.entity_id   1
_entity_poly.type   'polyribonucleotide'
_entity_poly.pdbx_seq_one_letter_code
;GGAUAUAUGAUACAAUUUGAUCAGUAUAUCC
;
_entity_poly.pdbx_strand_id   A
#